data_5C1M
#
_entry.id   5C1M
#
_cell.length_a   44.430
_cell.length_b   144.000
_cell.length_c   209.900
_cell.angle_alpha   90.000
_cell.angle_beta   90.000
_cell.angle_gamma   90.000
#
_symmetry.space_group_name_H-M   'I 21 21 21'
#
loop_
_entity.id
_entity.type
_entity.pdbx_description
1 polymer 'Mu-type opioid receptor'
2 polymer 'Nanobody 39'
3 non-polymer '(2R)-2,3-dihydroxypropyl (9Z)-octadec-9-enoate'
4 non-polymer CHOLESTEROL
5 non-polymer 'PHOSPHATE ION'
6 non-polymer 'HEXAETHYLENE GLYCOL'
7 non-polymer (2R,3S,3aR,5aR,6R,11bR,11cS)-3a-methoxy-3,14-dimethyl-2-phenyl-2,3,3a,6,7,11c-hexahydro-1H-6,11b-(epiminoethano)-3,5a-methanonaphtho[2,1-g]indol-10-ol
8 water water
#
loop_
_entity_poly.entity_id
_entity_poly.type
_entity_poly.pdbx_seq_one_letter_code
_entity_poly.pdbx_strand_id
1 'polypeptide(L)'
;GSHSL(YCM)PQTGSPSMVTAITIMALYSIVCVVGLFGNFLVMYVIVRYTKMKTATNIYIFNLALADALATSTLPFQSVN
YLMGTWPFGNILCKIVISIDYYNMFTSIFTLCTMSVDRYIAVCHPVKALDFRTPRNAKIVNVCNWILSSAIGLPVMFMAT
TKYRQGSIDCTLTFSHPTWYWENLLKICVFIFAFIMPVLIITVCYGLMILRLKSVRMLSGSKEKDRNLRRITRMVLVVVA
VFIVCWTPIHIYVIIKALITIPETTFQTVSWHFCIALGYTNSCLNPVLYAFLDENFKRCF
;
A
2 'polypeptide(L)'
;QVQLVESGGGLVRPGGSLRLSCVDSERTSYPMGWFRRAPGKEREFVASITWSGIDPTYADSVADRFTTSRDVANNTLYLQ
MNSLKHEDTAVYYCAARAPVGQSSSPYDYDYWGQGTQVTVSSAAA
;
B
#
loop_
_chem_comp.id
_chem_comp.type
_chem_comp.name
_chem_comp.formula
CLR non-polymer CHOLESTEROL 'C27 H46 O'
OLC non-polymer '(2R)-2,3-dihydroxypropyl (9Z)-octadec-9-enoate' 'C21 H40 O4'
P6G non-polymer 'HEXAETHYLENE GLYCOL' 'C12 H26 O7'
PO4 non-polymer 'PHOSPHATE ION' 'O4 P -3'
VF1 non-polymer (2R,3S,3aR,5aR,6R,11bR,11cS)-3a-methoxy-3,14-dimethyl-2-phenyl-2,3,3a,6,7,11c-hexahydro-1H-6,11b-(epiminoethano)-3,5a-methanonaphtho[2,1-g]indol-10-ol 'C28 H32 N2 O2'
#
# COMPACT_ATOMS: atom_id res chain seq x y z
N GLY A 1 -22.50 16.19 -21.71
CA GLY A 1 -21.27 16.27 -20.94
C GLY A 1 -20.09 15.62 -21.61
N SER A 2 -18.99 16.39 -21.75
CA SER A 2 -17.76 15.89 -22.33
C SER A 2 -16.97 15.08 -21.32
N HIS A 3 -16.30 14.03 -21.80
CA HIS A 3 -15.50 13.18 -20.93
C HIS A 3 -14.12 12.95 -21.54
N SER A 4 -13.99 11.90 -22.36
CA SER A 4 -12.72 11.62 -23.01
C SER A 4 -12.47 12.59 -24.16
N LEU A 5 -13.50 12.93 -24.92
CA LEU A 5 -13.36 13.83 -26.05
C LEU A 5 -13.15 15.26 -25.58
N YCM A 6 -11.96 15.79 -25.86
CA YCM A 6 -11.61 17.14 -25.52
CB YCM A 6 -10.14 17.27 -25.18
SG YCM A 6 -9.70 17.42 -23.47
CD YCM A 6 -11.10 16.86 -22.56
CE YCM A 6 -11.65 17.92 -21.63
OZ1 YCM A 6 -12.77 17.80 -21.10
NZ2 YCM A 6 -10.88 19.04 -21.39
C YCM A 6 -11.95 18.13 -26.64
O YCM A 6 -11.53 17.98 -27.79
N PRO A 7 -12.74 19.16 -26.30
CA PRO A 7 -12.98 20.26 -27.24
C PRO A 7 -11.67 20.95 -27.60
N GLN A 8 -11.09 20.57 -28.75
CA GLN A 8 -9.75 20.98 -29.11
C GLN A 8 -9.70 21.97 -30.26
N THR A 9 -10.85 22.41 -30.78
CA THR A 9 -10.95 23.25 -31.97
C THR A 9 -9.84 24.30 -32.05
N GLY A 10 -9.16 24.34 -33.19
CA GLY A 10 -7.88 25.00 -33.28
C GLY A 10 -6.78 23.95 -33.23
N SER A 11 -6.65 23.19 -34.33
CA SER A 11 -5.81 22.00 -34.45
C SER A 11 -4.47 22.14 -33.75
N PRO A 12 -3.98 21.08 -33.12
CA PRO A 12 -2.76 21.19 -32.32
C PRO A 12 -1.54 21.46 -33.18
N SER A 13 -0.52 22.01 -32.54
CA SER A 13 0.75 22.28 -33.20
C SER A 13 1.63 21.03 -33.19
N MET A 14 2.82 21.15 -33.77
CA MET A 14 3.74 20.02 -33.85
C MET A 14 4.31 19.67 -32.48
N VAL A 15 4.87 20.66 -31.79
CA VAL A 15 5.59 20.39 -30.55
C VAL A 15 4.63 19.91 -29.46
N THR A 16 3.38 20.40 -29.46
CA THR A 16 2.45 20.02 -28.41
C THR A 16 1.94 18.59 -28.60
N ALA A 17 1.59 18.21 -29.83
CA ALA A 17 1.09 16.86 -30.06
C ALA A 17 2.16 15.82 -29.77
N ILE A 18 3.41 16.09 -30.13
CA ILE A 18 4.49 15.17 -29.81
C ILE A 18 4.69 15.10 -28.29
N THR A 19 4.62 16.24 -27.61
CA THR A 19 4.80 16.25 -26.17
C THR A 19 3.74 15.41 -25.47
N ILE A 20 2.47 15.63 -25.81
CA ILE A 20 1.40 14.84 -25.21
C ILE A 20 1.55 13.38 -25.56
N MET A 21 2.00 13.08 -26.79
CA MET A 21 2.23 11.70 -27.19
C MET A 21 3.35 11.07 -26.38
N ALA A 22 4.49 11.76 -26.27
CA ALA A 22 5.58 11.26 -25.45
C ALA A 22 5.16 11.13 -23.99
N LEU A 23 4.27 12.01 -23.52
CA LEU A 23 3.78 11.92 -22.15
C LEU A 23 3.08 10.58 -21.92
N TYR A 24 2.04 10.29 -22.71
CA TYR A 24 1.29 9.06 -22.52
C TYR A 24 2.16 7.83 -22.73
N SER A 25 3.09 7.88 -23.68
CA SER A 25 3.91 6.71 -23.97
C SER A 25 4.89 6.44 -22.84
N ILE A 26 5.56 7.48 -22.34
CA ILE A 26 6.57 7.28 -21.29
C ILE A 26 5.92 6.79 -20.00
N VAL A 27 4.81 7.43 -19.60
CA VAL A 27 4.13 7.03 -18.37
C VAL A 27 3.63 5.60 -18.48
N CYS A 28 3.11 5.22 -19.65
CA CYS A 28 2.63 3.86 -19.86
C CYS A 28 3.76 2.85 -19.75
N VAL A 29 4.87 3.10 -20.45
CA VAL A 29 5.99 2.16 -20.47
C VAL A 29 6.61 2.05 -19.08
N VAL A 30 6.84 3.19 -18.41
CA VAL A 30 7.44 3.16 -17.08
C VAL A 30 6.49 2.49 -16.09
N GLY A 31 5.20 2.78 -16.19
CA GLY A 31 4.24 2.17 -15.29
C GLY A 31 4.13 0.67 -15.47
N LEU A 32 4.07 0.21 -16.73
CA LEU A 32 3.95 -1.23 -16.98
C LEU A 32 5.23 -1.97 -16.58
N PHE A 33 6.39 -1.40 -16.90
CA PHE A 33 7.65 -2.07 -16.58
C PHE A 33 7.86 -2.16 -15.07
N GLY A 34 7.68 -1.04 -14.37
CA GLY A 34 7.93 -1.05 -12.94
C GLY A 34 7.01 -1.96 -12.16
N ASN A 35 5.74 -2.03 -12.56
CA ASN A 35 4.79 -2.84 -11.81
C ASN A 35 4.86 -4.31 -12.19
N PHE A 36 5.13 -4.62 -13.45
CA PHE A 36 5.35 -6.02 -13.82
C PHE A 36 6.62 -6.56 -13.19
N LEU A 37 7.64 -5.70 -13.00
CA LEU A 37 8.85 -6.13 -12.32
C LEU A 37 8.57 -6.46 -10.87
N VAL A 38 7.74 -5.66 -10.20
CA VAL A 38 7.36 -5.95 -8.81
C VAL A 38 6.60 -7.26 -8.75
N MET A 39 5.63 -7.46 -9.65
CA MET A 39 4.85 -8.68 -9.64
C MET A 39 5.72 -9.89 -9.97
N TYR A 40 6.71 -9.72 -10.84
CA TYR A 40 7.62 -10.82 -11.14
C TYR A 40 8.45 -11.20 -9.92
N VAL A 41 9.05 -10.20 -9.25
CA VAL A 41 9.87 -10.48 -8.08
C VAL A 41 9.06 -11.15 -6.99
N ILE A 42 7.81 -10.72 -6.83
CA ILE A 42 6.95 -11.32 -5.81
C ILE A 42 6.62 -12.77 -6.16
N VAL A 43 6.22 -13.01 -7.41
CA VAL A 43 5.83 -14.35 -7.82
C VAL A 43 7.04 -15.28 -7.84
N ARG A 44 8.21 -14.76 -8.23
CA ARG A 44 9.39 -15.59 -8.39
C ARG A 44 10.16 -15.81 -7.09
N TYR A 45 10.30 -14.78 -6.25
CA TYR A 45 11.19 -14.85 -5.10
C TYR A 45 10.45 -14.76 -3.76
N THR A 46 9.72 -13.68 -3.50
CA THR A 46 9.18 -13.47 -2.15
C THR A 46 8.00 -14.40 -1.84
N LYS A 47 7.22 -14.76 -2.86
CA LYS A 47 6.17 -15.80 -2.84
C LYS A 47 4.86 -15.38 -2.18
N MET A 48 4.72 -14.14 -1.71
CA MET A 48 3.44 -13.63 -1.19
C MET A 48 2.97 -14.42 0.03
N LYS A 49 3.89 -14.72 0.94
CA LYS A 49 3.51 -15.40 2.18
C LYS A 49 3.12 -14.45 3.29
N THR A 50 3.46 -13.17 3.16
CA THR A 50 3.26 -12.19 4.22
C THR A 50 2.20 -11.18 3.83
N ALA A 51 1.62 -10.54 4.84
CA ALA A 51 0.62 -9.50 4.59
C ALA A 51 1.19 -8.36 3.76
N THR A 52 2.45 -7.99 4.01
CA THR A 52 3.04 -6.86 3.29
C THR A 52 3.16 -7.17 1.80
N ASN A 53 3.64 -8.37 1.45
CA ASN A 53 3.77 -8.72 0.05
C ASN A 53 2.42 -8.90 -0.62
N ILE A 54 1.39 -9.29 0.14
CA ILE A 54 0.05 -9.39 -0.40
C ILE A 54 -0.47 -8.00 -0.77
N TYR A 55 -0.17 -6.99 0.06
CA TYR A 55 -0.56 -5.61 -0.26
C TYR A 55 0.25 -5.07 -1.43
N ILE A 56 1.55 -5.36 -1.45
CA ILE A 56 2.41 -4.86 -2.52
C ILE A 56 1.97 -5.42 -3.87
N PHE A 57 1.68 -6.71 -3.93
CA PHE A 57 1.23 -7.31 -5.19
C PHE A 57 -0.09 -6.71 -5.63
N ASN A 58 -1.03 -6.52 -4.70
CA ASN A 58 -2.32 -5.91 -5.03
C ASN A 58 -2.13 -4.50 -5.57
N LEU A 59 -1.15 -3.76 -5.01
CA LEU A 59 -0.89 -2.41 -5.48
C LEU A 59 -0.27 -2.43 -6.88
N ALA A 60 0.69 -3.32 -7.10
CA ALA A 60 1.34 -3.39 -8.40
C ALA A 60 0.38 -3.82 -9.50
N LEU A 61 -0.51 -4.78 -9.18
CA LEU A 61 -1.49 -5.21 -10.16
C LEU A 61 -2.44 -4.08 -10.55
N ALA A 62 -2.92 -3.33 -9.55
CA ALA A 62 -3.80 -2.19 -9.84
C ALA A 62 -3.07 -1.11 -10.63
N ASP A 63 -1.82 -0.84 -10.27
CA ASP A 63 -1.06 0.19 -10.98
C ASP A 63 -0.73 -0.23 -12.40
N ALA A 64 -0.47 -1.52 -12.64
CA ALA A 64 -0.24 -1.97 -14.00
C ALA A 64 -1.51 -1.87 -14.84
N LEU A 65 -2.66 -2.23 -14.26
CA LEU A 65 -3.92 -2.13 -15.00
C LEU A 65 -4.30 -0.68 -15.28
N ALA A 66 -3.99 0.22 -14.34
CA ALA A 66 -4.27 1.64 -14.56
C ALA A 66 -3.52 2.18 -15.76
N THR A 67 -2.20 1.89 -15.83
CA THR A 67 -1.42 2.39 -16.95
C THR A 67 -1.71 1.63 -18.24
N SER A 68 -2.36 0.46 -18.16
CA SER A 68 -2.72 -0.27 -19.36
C SER A 68 -3.81 0.43 -20.16
N THR A 69 -4.51 1.40 -19.57
CA THR A 69 -5.51 2.15 -20.32
C THR A 69 -4.89 3.30 -21.14
N LEU A 70 -3.65 3.66 -20.87
CA LEU A 70 -3.05 4.81 -21.52
C LEU A 70 -2.89 4.66 -23.04
N PRO A 71 -2.55 3.50 -23.60
CA PRO A 71 -2.53 3.41 -25.07
C PRO A 71 -3.87 3.74 -25.70
N PHE A 72 -4.98 3.37 -25.05
CA PHE A 72 -6.30 3.76 -25.53
C PHE A 72 -6.47 5.27 -25.46
N GLN A 73 -6.05 5.88 -24.35
CA GLN A 73 -6.22 7.32 -24.18
C GLN A 73 -5.34 8.10 -25.15
N SER A 74 -4.14 7.60 -25.44
CA SER A 74 -3.27 8.27 -26.41
C SER A 74 -3.92 8.31 -27.78
N VAL A 75 -4.31 7.13 -28.30
CA VAL A 75 -4.98 7.05 -29.60
C VAL A 75 -6.21 7.93 -29.62
N ASN A 76 -6.99 7.91 -28.52
CA ASN A 76 -8.14 8.78 -28.42
C ASN A 76 -7.76 10.25 -28.57
N TYR A 77 -6.57 10.63 -28.11
CA TYR A 77 -6.12 12.01 -28.28
C TYR A 77 -5.64 12.28 -29.70
N LEU A 78 -4.83 11.38 -30.26
CA LEU A 78 -4.34 11.52 -31.64
C LEU A 78 -5.48 11.81 -32.60
N MET A 79 -6.36 10.82 -32.76
CA MET A 79 -7.45 10.89 -33.72
C MET A 79 -8.54 11.87 -33.30
N GLY A 80 -8.49 12.40 -32.09
CA GLY A 80 -9.56 13.24 -31.59
C GLY A 80 -10.90 12.54 -31.56
N THR A 81 -10.90 11.22 -31.34
CA THR A 81 -12.09 10.40 -31.46
C THR A 81 -11.80 9.03 -30.83
N TRP A 82 -12.81 8.45 -30.20
CA TRP A 82 -12.69 7.10 -29.66
C TRP A 82 -13.00 6.10 -30.76
N PRO A 83 -12.03 5.31 -31.23
CA PRO A 83 -12.28 4.39 -32.35
C PRO A 83 -12.49 2.93 -31.95
N PHE A 84 -12.50 2.60 -30.66
CA PHE A 84 -12.45 1.22 -30.21
C PHE A 84 -13.82 0.60 -29.99
N GLY A 85 -14.91 1.35 -30.19
CA GLY A 85 -16.23 0.78 -30.08
C GLY A 85 -16.83 0.89 -28.68
N ASN A 86 -18.07 0.41 -28.58
CA ASN A 86 -18.84 0.53 -27.35
C ASN A 86 -18.37 -0.44 -26.28
N ILE A 87 -18.04 -1.67 -26.67
CA ILE A 87 -17.64 -2.68 -25.68
C ILE A 87 -16.32 -2.30 -25.02
N LEU A 88 -15.34 -1.87 -25.83
CA LEU A 88 -14.05 -1.48 -25.27
C LEU A 88 -14.15 -0.20 -24.47
N CYS A 89 -15.08 0.68 -24.82
CA CYS A 89 -15.31 1.88 -24.03
C CYS A 89 -15.75 1.52 -22.61
N LYS A 90 -16.69 0.57 -22.49
CA LYS A 90 -17.13 0.13 -21.17
C LYS A 90 -15.99 -0.56 -20.42
N ILE A 91 -15.19 -1.37 -21.12
CA ILE A 91 -14.15 -2.14 -20.45
C ILE A 91 -13.04 -1.22 -19.95
N VAL A 92 -12.59 -0.30 -20.79
CA VAL A 92 -11.45 0.55 -20.41
C VAL A 92 -11.86 1.53 -19.31
N ILE A 93 -13.06 2.10 -19.41
CA ILE A 93 -13.53 3.03 -18.37
C ILE A 93 -13.67 2.31 -17.04
N SER A 94 -14.26 1.11 -17.06
CA SER A 94 -14.44 0.37 -15.81
C SER A 94 -13.10 -0.02 -15.20
N ILE A 95 -12.19 -0.53 -16.03
CA ILE A 95 -10.84 -0.85 -15.54
C ILE A 95 -10.18 0.39 -14.98
N ASP A 96 -10.37 1.53 -15.62
CA ASP A 96 -9.71 2.76 -15.19
C ASP A 96 -10.22 3.22 -13.83
N TYR A 97 -11.55 3.20 -13.63
CA TYR A 97 -12.09 3.58 -12.33
C TYR A 97 -11.76 2.53 -11.27
N TYR A 98 -11.90 1.24 -11.62
CA TYR A 98 -11.64 0.17 -10.66
C TYR A 98 -10.24 0.28 -10.08
N ASN A 99 -9.25 0.52 -10.92
CA ASN A 99 -7.87 0.45 -10.49
C ASN A 99 -7.33 1.77 -9.98
N MET A 100 -7.96 2.89 -10.31
CA MET A 100 -7.71 4.11 -9.56
C MET A 100 -8.02 3.90 -8.09
N PHE A 101 -9.20 3.35 -7.79
CA PHE A 101 -9.60 3.16 -6.41
C PHE A 101 -8.83 2.02 -5.74
N THR A 102 -8.60 0.92 -6.47
CA THR A 102 -7.85 -0.19 -5.89
C THR A 102 -6.42 0.22 -5.55
N SER A 103 -5.76 0.97 -6.44
CA SER A 103 -4.44 1.49 -6.14
C SER A 103 -4.46 2.40 -4.93
N ILE A 104 -5.40 3.35 -4.90
CA ILE A 104 -5.45 4.33 -3.83
C ILE A 104 -5.85 3.67 -2.51
N PHE A 105 -6.83 2.78 -2.54
CA PHE A 105 -7.26 2.13 -1.29
C PHE A 105 -6.17 1.22 -0.74
N THR A 106 -5.35 0.62 -1.60
CA THR A 106 -4.28 -0.24 -1.12
C THR A 106 -3.18 0.56 -0.44
N LEU A 107 -2.83 1.71 -0.99
CA LEU A 107 -1.79 2.52 -0.36
C LEU A 107 -2.30 3.17 0.92
N CYS A 108 -3.61 3.43 1.01
CA CYS A 108 -4.19 3.81 2.29
C CYS A 108 -4.10 2.67 3.29
N THR A 109 -4.34 1.44 2.84
CA THR A 109 -4.25 0.28 3.71
C THR A 109 -2.85 0.11 4.26
N MET A 110 -1.83 0.33 3.41
CA MET A 110 -0.46 0.25 3.88
C MET A 110 -0.15 1.32 4.92
N SER A 111 -0.80 2.49 4.82
CA SER A 111 -0.62 3.51 5.85
C SER A 111 -1.29 3.10 7.15
N VAL A 112 -2.52 2.61 7.08
CA VAL A 112 -3.22 2.14 8.26
C VAL A 112 -2.48 0.97 8.89
N ASP A 113 -1.95 0.08 8.06
CA ASP A 113 -1.21 -1.08 8.56
C ASP A 113 0.01 -0.65 9.37
N ARG A 114 0.74 0.35 8.89
CA ARG A 114 1.90 0.84 9.62
C ARG A 114 1.51 1.61 10.87
N TYR A 115 0.40 2.36 10.80
CA TYR A 115 -0.10 3.04 11.98
C TYR A 115 -0.49 2.03 13.07
N ILE A 116 -1.15 0.94 12.68
CA ILE A 116 -1.55 -0.07 13.65
C ILE A 116 -0.32 -0.74 14.26
N ALA A 117 0.71 -0.98 13.45
CA ALA A 117 1.91 -1.63 13.95
C ALA A 117 2.57 -0.83 15.06
N VAL A 118 2.58 0.48 14.94
CA VAL A 118 3.26 1.34 15.91
C VAL A 118 2.35 1.73 17.07
N CYS A 119 1.11 2.13 16.76
CA CYS A 119 0.23 2.71 17.77
C CYS A 119 -0.66 1.69 18.45
N HIS A 120 -0.87 0.51 17.85
CA HIS A 120 -1.65 -0.57 18.44
C HIS A 120 -0.92 -1.90 18.26
N PRO A 121 0.27 -2.03 18.85
CA PRO A 121 1.09 -3.24 18.57
C PRO A 121 0.44 -4.53 19.01
N VAL A 122 -0.41 -4.51 20.05
CA VAL A 122 -1.09 -5.73 20.46
C VAL A 122 -2.13 -6.13 19.43
N LYS A 123 -2.96 -5.18 19.00
CA LYS A 123 -3.93 -5.47 17.94
C LYS A 123 -3.25 -5.78 16.62
N ALA A 124 -2.02 -5.28 16.40
CA ALA A 124 -1.30 -5.60 15.19
C ALA A 124 -1.06 -7.10 15.05
N LEU A 125 -0.98 -7.82 16.17
CA LEU A 125 -0.77 -9.26 16.11
C LEU A 125 -1.93 -9.97 15.41
N ASP A 126 -3.14 -9.43 15.53
CA ASP A 126 -4.32 -9.98 14.86
C ASP A 126 -4.52 -9.40 13.46
N PHE A 127 -4.18 -8.12 13.26
CA PHE A 127 -4.48 -7.48 11.99
C PHE A 127 -3.47 -7.82 10.91
N ARG A 128 -2.20 -7.99 11.26
CA ARG A 128 -1.14 -8.05 10.25
C ARG A 128 -0.84 -9.47 9.80
N THR A 129 -1.86 -10.24 9.57
CA THR A 129 -1.75 -11.59 9.06
C THR A 129 -1.98 -11.63 7.56
N PRO A 130 -1.41 -12.60 6.87
CA PRO A 130 -1.74 -12.77 5.44
C PRO A 130 -3.22 -13.01 5.20
N ARG A 131 -3.91 -13.69 6.11
CA ARG A 131 -5.34 -13.93 5.94
C ARG A 131 -6.11 -12.61 5.95
N ASN A 132 -5.80 -11.71 6.89
CA ASN A 132 -6.51 -10.44 6.94
C ASN A 132 -6.14 -9.53 5.78
N ALA A 133 -4.91 -9.62 5.29
CA ALA A 133 -4.51 -8.81 4.14
C ALA A 133 -5.34 -9.17 2.91
N LYS A 134 -5.60 -10.46 2.71
CA LYS A 134 -6.46 -10.87 1.60
C LYS A 134 -7.90 -10.45 1.82
N ILE A 135 -8.39 -10.52 3.06
CA ILE A 135 -9.73 -10.05 3.36
C ILE A 135 -9.86 -8.55 3.07
N VAL A 136 -8.84 -7.77 3.47
CA VAL A 136 -8.89 -6.34 3.25
C VAL A 136 -8.90 -6.01 1.77
N ASN A 137 -8.07 -6.71 0.98
CA ASN A 137 -8.07 -6.52 -0.47
C ASN A 137 -9.45 -6.79 -1.06
N VAL A 138 -10.17 -7.79 -0.54
CA VAL A 138 -11.51 -8.10 -1.04
C VAL A 138 -12.48 -6.99 -0.65
N CYS A 139 -12.43 -6.55 0.60
CA CYS A 139 -13.29 -5.46 1.05
C CYS A 139 -13.05 -4.18 0.24
N ASN A 140 -11.78 -3.86 -0.02
CA ASN A 140 -11.46 -2.70 -0.83
C ASN A 140 -11.97 -2.85 -2.26
N TRP A 141 -11.93 -4.07 -2.79
CA TRP A 141 -12.46 -4.30 -4.13
C TRP A 141 -13.97 -4.15 -4.15
N ILE A 142 -14.66 -4.62 -3.11
CA ILE A 142 -16.10 -4.41 -3.01
C ILE A 142 -16.42 -2.93 -2.97
N LEU A 143 -15.64 -2.16 -2.20
CA LEU A 143 -15.85 -0.73 -2.14
C LEU A 143 -15.59 -0.07 -3.49
N SER A 144 -14.51 -0.48 -4.17
CA SER A 144 -14.24 0.04 -5.51
C SER A 144 -15.35 -0.31 -6.49
N SER A 145 -16.06 -1.41 -6.26
CA SER A 145 -17.15 -1.82 -7.14
C SER A 145 -18.33 -0.86 -7.10
N ALA A 146 -18.48 -0.08 -6.02
CA ALA A 146 -19.58 0.86 -5.93
C ALA A 146 -19.54 1.90 -7.04
N ILE A 147 -18.37 2.13 -7.64
CA ILE A 147 -18.23 2.99 -8.81
C ILE A 147 -17.79 2.20 -10.02
N GLY A 148 -16.93 1.20 -9.84
CA GLY A 148 -16.41 0.45 -10.98
C GLY A 148 -17.47 -0.31 -11.75
N LEU A 149 -18.49 -0.83 -11.06
CA LEU A 149 -19.57 -1.56 -11.72
C LEU A 149 -20.59 -0.62 -12.37
N PRO A 150 -21.07 0.43 -11.68
CA PRO A 150 -22.00 1.34 -12.36
C PRO A 150 -21.45 1.99 -13.62
N VAL A 151 -20.15 2.32 -13.65
CA VAL A 151 -19.61 2.97 -14.84
C VAL A 151 -19.58 1.99 -16.01
N MET A 152 -19.52 0.68 -15.73
CA MET A 152 -19.62 -0.30 -16.81
C MET A 152 -20.98 -0.23 -17.50
N PHE A 153 -22.03 0.06 -16.74
CA PHE A 153 -23.35 0.27 -17.34
C PHE A 153 -23.48 1.66 -17.92
N MET A 154 -22.94 2.67 -17.24
CA MET A 154 -23.11 4.05 -17.69
C MET A 154 -22.27 4.36 -18.93
N ALA A 155 -21.11 3.75 -19.05
CA ALA A 155 -20.21 4.09 -20.15
C ALA A 155 -20.80 3.66 -21.49
N THR A 156 -20.66 4.54 -22.49
CA THR A 156 -21.12 4.23 -23.83
C THR A 156 -20.45 5.19 -24.79
N THR A 157 -20.48 4.83 -26.07
CA THR A 157 -20.06 5.72 -27.14
C THR A 157 -21.27 6.42 -27.72
N LYS A 158 -21.18 7.73 -27.87
CA LYS A 158 -22.22 8.51 -28.53
C LYS A 158 -21.57 9.54 -29.45
N TYR A 159 -22.31 9.95 -30.46
CA TYR A 159 -21.78 10.88 -31.45
C TYR A 159 -21.72 12.30 -30.89
N ARG A 160 -20.63 13.00 -31.22
CA ARG A 160 -20.39 14.36 -30.73
C ARG A 160 -19.69 15.12 -31.84
N GLN A 161 -20.48 15.83 -32.65
CA GLN A 161 -19.97 16.63 -33.77
C GLN A 161 -19.19 15.77 -34.75
N GLY A 162 -19.79 14.66 -35.16
CA GLY A 162 -19.10 13.71 -36.04
C GLY A 162 -18.11 12.80 -35.33
N SER A 163 -17.29 13.36 -34.44
CA SER A 163 -16.36 12.56 -33.66
C SER A 163 -17.11 11.76 -32.60
N ILE A 164 -16.41 10.80 -32.01
CA ILE A 164 -16.99 9.86 -31.06
C ILE A 164 -16.39 10.11 -29.68
N ASP A 165 -17.26 10.25 -28.69
CA ASP A 165 -16.85 10.44 -27.30
C ASP A 165 -17.20 9.18 -26.53
N CYS A 166 -16.21 8.57 -25.88
CA CYS A 166 -16.45 7.50 -24.91
C CYS A 166 -16.73 8.17 -23.58
N THR A 167 -18.00 8.24 -23.21
CA THR A 167 -18.44 9.06 -22.08
C THR A 167 -19.38 8.24 -21.20
N LEU A 168 -19.94 8.92 -20.19
CA LEU A 168 -20.87 8.33 -19.25
C LEU A 168 -22.25 8.93 -19.43
N THR A 169 -23.28 8.09 -19.39
CA THR A 169 -24.66 8.53 -19.44
C THR A 169 -25.31 8.31 -18.08
N PHE A 170 -26.05 9.31 -17.62
CA PHE A 170 -26.57 9.33 -16.26
C PHE A 170 -28.09 9.31 -16.26
N SER A 171 -28.65 8.96 -15.11
CA SER A 171 -30.09 9.01 -14.94
C SER A 171 -30.56 10.46 -14.86
N HIS A 172 -31.87 10.65 -14.95
CA HIS A 172 -32.42 11.99 -14.84
C HIS A 172 -32.51 12.39 -13.37
N PRO A 173 -32.20 13.66 -13.03
CA PRO A 173 -31.63 14.64 -13.97
C PRO A 173 -30.12 14.48 -14.07
N THR A 174 -29.58 14.60 -15.29
CA THR A 174 -28.17 14.34 -15.52
C THR A 174 -27.28 15.29 -14.73
N TRP A 175 -27.70 16.55 -14.60
CA TRP A 175 -26.87 17.53 -13.90
C TRP A 175 -26.72 17.22 -12.42
N TYR A 176 -27.63 16.44 -11.84
CA TYR A 176 -27.44 16.02 -10.46
C TYR A 176 -26.47 14.84 -10.36
N TRP A 177 -26.80 13.74 -11.06
CA TRP A 177 -26.05 12.51 -10.86
C TRP A 177 -24.64 12.59 -11.44
N GLU A 178 -24.44 13.38 -12.51
CA GLU A 178 -23.09 13.54 -13.03
C GLU A 178 -22.20 14.27 -12.04
N ASN A 179 -22.71 15.33 -11.42
CA ASN A 179 -21.91 16.07 -10.46
C ASN A 179 -21.74 15.30 -9.16
N LEU A 180 -22.73 14.50 -8.77
CA LEU A 180 -22.56 13.63 -7.60
C LEU A 180 -21.42 12.65 -7.82
N LEU A 181 -21.33 12.07 -9.03
CA LEU A 181 -20.23 11.15 -9.32
C LEU A 181 -18.88 11.86 -9.19
N LYS A 182 -18.77 13.06 -9.79
CA LYS A 182 -17.53 13.81 -9.70
C LYS A 182 -17.17 14.12 -8.25
N ILE A 183 -18.17 14.47 -7.44
CA ILE A 183 -17.93 14.77 -6.03
C ILE A 183 -17.50 13.51 -5.28
N CYS A 184 -18.17 12.38 -5.53
CA CYS A 184 -17.81 11.14 -4.85
C CYS A 184 -16.41 10.68 -5.23
N VAL A 185 -16.04 10.85 -6.50
CA VAL A 185 -14.69 10.51 -6.92
C VAL A 185 -13.68 11.40 -6.21
N PHE A 186 -13.97 12.70 -6.13
CA PHE A 186 -13.06 13.64 -5.49
C PHE A 186 -12.84 13.31 -4.02
N ILE A 187 -13.89 12.84 -3.33
N ILE A 187 -13.90 12.90 -3.32
CA ILE A 187 -13.76 12.63 -1.89
CA ILE A 187 -13.77 12.60 -1.90
C ILE A 187 -13.26 11.23 -1.54
C ILE A 187 -13.07 11.26 -1.70
N PHE A 188 -13.59 10.21 -2.34
CA PHE A 188 -13.11 8.87 -2.07
C PHE A 188 -11.73 8.60 -2.66
N ALA A 189 -11.37 9.29 -3.74
CA ALA A 189 -10.07 9.07 -4.36
C ALA A 189 -9.04 10.10 -3.95
N PHE A 190 -9.45 11.24 -3.40
CA PHE A 190 -8.47 12.25 -3.03
C PHE A 190 -8.60 12.68 -1.57
N ILE A 191 -9.76 13.23 -1.20
CA ILE A 191 -9.91 13.84 0.12
C ILE A 191 -9.71 12.80 1.23
N MET A 192 -10.51 11.73 1.20
CA MET A 192 -10.37 10.68 2.20
C MET A 192 -8.97 10.07 2.23
N PRO A 193 -8.35 9.71 1.10
CA PRO A 193 -6.99 9.16 1.17
C PRO A 193 -5.97 10.12 1.74
N VAL A 194 -6.05 11.41 1.40
CA VAL A 194 -5.12 12.38 1.99
C VAL A 194 -5.31 12.46 3.49
N LEU A 195 -6.56 12.42 3.96
CA LEU A 195 -6.80 12.46 5.39
C LEU A 195 -6.30 11.19 6.08
N ILE A 196 -6.52 10.03 5.46
CA ILE A 196 -6.12 8.77 6.07
C ILE A 196 -4.62 8.70 6.25
N ILE A 197 -3.87 8.98 5.18
CA ILE A 197 -2.42 8.77 5.23
C ILE A 197 -1.73 9.85 6.07
N THR A 198 -2.25 11.08 6.06
CA THR A 198 -1.61 12.11 6.88
C THR A 198 -1.86 11.87 8.36
N VAL A 199 -3.08 11.46 8.72
CA VAL A 199 -3.38 11.22 10.13
C VAL A 199 -2.69 9.95 10.63
N CYS A 200 -2.73 8.88 9.85
CA CYS A 200 -2.10 7.63 10.28
C CYS A 200 -0.59 7.78 10.39
N TYR A 201 0.04 8.35 9.37
CA TYR A 201 1.49 8.56 9.41
C TYR A 201 1.87 9.60 10.46
N GLY A 202 1.04 10.64 10.61
CA GLY A 202 1.31 11.65 11.62
C GLY A 202 1.25 11.07 13.03
N LEU A 203 0.21 10.29 13.31
CA LEU A 203 0.10 9.65 14.62
C LEU A 203 1.21 8.62 14.82
N MET A 204 1.64 7.97 13.74
CA MET A 204 2.74 7.01 13.83
C MET A 204 4.04 7.71 14.23
N ILE A 205 4.32 8.85 13.61
CA ILE A 205 5.53 9.60 13.93
C ILE A 205 5.46 10.17 15.35
N LEU A 206 4.28 10.65 15.76
CA LEU A 206 4.13 11.18 17.11
C LEU A 206 4.41 10.12 18.16
N ARG A 207 3.93 8.89 17.94
N ARG A 207 3.95 8.88 17.93
CA ARG A 207 4.22 7.81 18.88
CA ARG A 207 4.22 7.81 18.88
C ARG A 207 5.71 7.49 18.90
C ARG A 207 5.70 7.45 18.90
N LEU A 208 6.35 7.47 17.73
CA LEU A 208 7.77 7.16 17.68
C LEU A 208 8.63 8.26 18.30
N LYS A 209 8.16 9.51 18.25
CA LYS A 209 8.92 10.60 18.87
C LYS A 209 8.71 10.67 20.37
N SER A 210 7.74 9.95 20.92
CA SER A 210 7.46 9.99 22.35
C SER A 210 8.28 8.99 23.15
N VAL A 211 8.90 8.01 22.52
CA VAL A 211 9.67 7.01 23.24
C VAL A 211 10.98 7.63 23.74
N ARG A 212 11.30 7.31 24.96
CA ARG A 212 12.49 7.77 25.60
C ARG A 212 13.15 6.52 25.94
N MET A 213 14.31 6.31 25.37
CA MET A 213 15.02 5.11 25.71
C MET A 213 16.20 5.58 26.50
N LEU A 214 16.31 5.13 27.74
CA LEU A 214 17.39 5.52 28.64
C LEU A 214 18.80 5.56 28.07
N SER A 215 19.03 5.00 26.90
CA SER A 215 20.41 4.97 26.44
C SER A 215 20.65 5.64 25.09
N GLY A 216 20.26 4.98 24.00
CA GLY A 216 20.71 5.38 22.68
C GLY A 216 19.83 6.38 21.97
N SER A 217 19.84 7.64 22.45
CA SER A 217 19.01 8.67 21.85
C SER A 217 19.44 8.99 20.42
N LYS A 218 20.72 8.81 20.11
CA LYS A 218 21.20 9.08 18.76
C LYS A 218 20.63 8.08 17.75
N GLU A 219 20.57 6.80 18.13
CA GLU A 219 19.99 5.79 17.26
C GLU A 219 18.49 6.01 17.07
N LYS A 220 17.83 6.60 18.06
CA LYS A 220 16.40 6.91 17.91
C LYS A 220 16.17 8.12 17.02
N ASP A 221 16.97 9.18 17.20
CA ASP A 221 16.83 10.36 16.35
C ASP A 221 17.14 10.01 14.89
N ARG A 222 18.08 9.09 14.67
CA ARG A 222 18.45 8.74 13.30
C ARG A 222 17.32 8.01 12.60
N ASN A 223 16.74 7.00 13.25
CA ASN A 223 15.63 6.27 12.64
C ASN A 223 14.42 7.18 12.44
N LEU A 224 14.19 8.12 13.36
CA LEU A 224 13.07 9.03 13.20
C LEU A 224 13.26 9.96 12.01
N ARG A 225 14.49 10.39 11.75
CA ARG A 225 14.76 11.22 10.58
C ARG A 225 14.46 10.45 9.30
N ARG A 226 14.83 9.18 9.25
CA ARG A 226 14.60 8.39 8.04
C ARG A 226 13.12 8.10 7.84
N ILE A 227 12.39 7.80 8.92
CA ILE A 227 10.98 7.48 8.79
C ILE A 227 10.18 8.73 8.45
N THR A 228 10.46 9.83 9.13
CA THR A 228 9.76 11.09 8.84
C THR A 228 10.03 11.53 7.40
N ARG A 229 11.26 11.35 6.92
CA ARG A 229 11.58 11.69 5.54
C ARG A 229 10.78 10.84 4.56
N MET A 230 10.67 9.54 4.83
CA MET A 230 9.88 8.68 3.95
C MET A 230 8.39 9.03 3.99
N VAL A 231 7.89 9.38 5.17
CA VAL A 231 6.50 9.80 5.28
C VAL A 231 6.25 11.03 4.42
N LEU A 232 7.13 12.02 4.51
CA LEU A 232 6.96 13.24 3.73
C LEU A 232 7.02 12.96 2.24
N VAL A 233 7.82 11.98 1.82
CA VAL A 233 7.95 11.68 0.39
C VAL A 233 6.66 11.03 -0.13
N VAL A 234 6.17 9.99 0.55
CA VAL A 234 5.02 9.27 0.01
C VAL A 234 3.78 10.16 0.04
N VAL A 235 3.68 11.08 0.99
CA VAL A 235 2.54 11.99 1.03
C VAL A 235 2.67 13.06 -0.04
N ALA A 236 3.87 13.63 -0.19
CA ALA A 236 4.07 14.65 -1.22
C ALA A 236 3.87 14.08 -2.61
N VAL A 237 4.33 12.86 -2.85
CA VAL A 237 4.15 12.23 -4.17
C VAL A 237 2.66 12.06 -4.46
N PHE A 238 1.90 11.56 -3.50
CA PHE A 238 0.47 11.40 -3.71
C PHE A 238 -0.19 12.74 -4.01
N ILE A 239 0.18 13.78 -3.26
CA ILE A 239 -0.46 15.08 -3.43
C ILE A 239 -0.06 15.71 -4.77
N VAL A 240 1.22 15.62 -5.13
CA VAL A 240 1.67 16.23 -6.39
C VAL A 240 1.05 15.53 -7.59
N CYS A 241 0.91 14.21 -7.51
CA CYS A 241 0.44 13.44 -8.67
C CYS A 241 -1.07 13.50 -8.84
N TRP A 242 -1.83 13.61 -7.75
CA TRP A 242 -3.29 13.47 -7.81
C TRP A 242 -4.05 14.79 -7.67
N THR A 243 -3.50 15.78 -6.97
CA THR A 243 -4.21 17.05 -6.80
C THR A 243 -4.52 17.74 -8.13
N PRO A 244 -3.58 17.87 -9.08
CA PRO A 244 -3.90 18.64 -10.30
C PRO A 244 -5.11 18.14 -11.06
N ILE A 245 -5.19 16.83 -11.35
CA ILE A 245 -6.31 16.36 -12.16
C ILE A 245 -7.62 16.47 -11.39
N HIS A 246 -7.60 16.25 -10.07
CA HIS A 246 -8.82 16.35 -9.30
C HIS A 246 -9.34 17.78 -9.25
N ILE A 247 -8.45 18.76 -9.09
CA ILE A 247 -8.88 20.15 -9.08
C ILE A 247 -9.32 20.59 -10.47
N TYR A 248 -8.62 20.12 -11.51
CA TYR A 248 -8.99 20.45 -12.88
C TYR A 248 -10.39 19.97 -13.21
N VAL A 249 -10.73 18.74 -12.79
CA VAL A 249 -12.06 18.20 -13.05
C VAL A 249 -13.13 19.04 -12.35
N ILE A 250 -12.86 19.47 -11.13
CA ILE A 250 -13.83 20.28 -10.39
C ILE A 250 -14.02 21.64 -11.07
N ILE A 251 -12.92 22.26 -11.49
CA ILE A 251 -13.02 23.60 -12.09
C ILE A 251 -13.79 23.53 -13.40
N LYS A 252 -13.56 22.50 -14.22
CA LYS A 252 -14.32 22.37 -15.44
C LYS A 252 -15.79 22.09 -15.19
N ALA A 253 -16.14 21.52 -14.03
CA ALA A 253 -17.55 21.34 -13.71
C ALA A 253 -18.22 22.65 -13.32
N LEU A 254 -17.45 23.62 -12.84
CA LEU A 254 -18.00 24.88 -12.33
C LEU A 254 -18.00 26.00 -13.36
N ILE A 255 -16.92 26.16 -14.12
CA ILE A 255 -16.78 27.27 -15.06
C ILE A 255 -16.43 26.73 -16.44
N THR A 256 -16.63 27.58 -17.44
CA THR A 256 -16.22 27.30 -18.81
C THR A 256 -14.92 28.05 -19.09
N ILE A 257 -13.88 27.32 -19.50
CA ILE A 257 -12.54 27.90 -19.65
C ILE A 257 -12.19 28.03 -21.12
N PRO A 258 -11.40 29.04 -21.52
CA PRO A 258 -11.12 29.26 -22.95
C PRO A 258 -10.20 28.20 -23.52
N GLU A 259 -10.69 27.47 -24.51
CA GLU A 259 -9.96 26.37 -25.14
C GLU A 259 -8.75 26.92 -25.87
N THR A 260 -7.58 26.80 -25.25
CA THR A 260 -6.32 27.28 -25.81
C THR A 260 -5.31 26.14 -25.79
N THR A 261 -4.10 26.43 -26.30
CA THR A 261 -3.03 25.44 -26.28
C THR A 261 -2.59 25.12 -24.86
N PHE A 262 -2.48 26.14 -24.01
CA PHE A 262 -2.02 25.91 -22.64
C PHE A 262 -3.04 25.09 -21.85
N GLN A 263 -4.33 25.32 -22.07
CA GLN A 263 -5.35 24.53 -21.39
C GLN A 263 -5.28 23.07 -21.83
N THR A 264 -5.18 22.85 -23.15
CA THR A 264 -5.10 21.48 -23.68
C THR A 264 -3.89 20.75 -23.12
N VAL A 265 -2.71 21.36 -23.21
CA VAL A 265 -1.49 20.71 -22.75
C VAL A 265 -1.54 20.46 -21.25
N SER A 266 -2.01 21.45 -20.48
CA SER A 266 -2.06 21.28 -19.03
C SER A 266 -3.06 20.19 -18.63
N TRP A 267 -4.15 20.04 -19.39
CA TRP A 267 -5.13 19.01 -19.08
C TRP A 267 -4.53 17.61 -19.22
N HIS A 268 -3.86 17.36 -20.33
CA HIS A 268 -3.26 16.04 -20.52
C HIS A 268 -2.07 15.82 -19.60
N PHE A 269 -1.37 16.90 -19.22
CA PHE A 269 -0.30 16.75 -18.25
C PHE A 269 -0.84 16.38 -16.88
N CYS A 270 -1.97 16.98 -16.48
CA CYS A 270 -2.57 16.63 -15.20
C CYS A 270 -3.09 15.20 -15.21
N ILE A 271 -3.68 14.76 -16.33
CA ILE A 271 -4.05 13.37 -16.48
C ILE A 271 -2.83 12.47 -16.31
N ALA A 272 -1.74 12.80 -17.01
CA ALA A 272 -0.53 11.98 -16.94
C ALA A 272 0.03 11.95 -15.52
N LEU A 273 -0.05 13.07 -14.79
CA LEU A 273 0.44 13.10 -13.42
C LEU A 273 -0.29 12.08 -12.55
N GLY A 274 -1.60 11.92 -12.75
CA GLY A 274 -2.33 10.92 -11.99
C GLY A 274 -1.81 9.51 -12.22
N TYR A 275 -1.44 9.19 -13.45
CA TYR A 275 -0.90 7.87 -13.75
C TYR A 275 0.56 7.73 -13.36
N THR A 276 1.26 8.86 -13.15
N THR A 276 1.28 8.85 -13.16
CA THR A 276 2.63 8.80 -12.65
CA THR A 276 2.64 8.76 -12.65
C THR A 276 2.67 8.29 -11.21
C THR A 276 2.68 8.29 -11.20
N ASN A 277 1.58 8.45 -10.46
CA ASN A 277 1.50 7.87 -9.13
C ASN A 277 1.64 6.36 -9.20
N SER A 278 1.05 5.74 -10.24
CA SER A 278 1.23 4.32 -10.46
C SER A 278 2.65 3.98 -10.89
N CYS A 279 3.37 4.93 -11.48
CA CYS A 279 4.76 4.71 -11.84
C CYS A 279 5.69 4.79 -10.63
N LEU A 280 5.36 5.63 -9.65
CA LEU A 280 6.21 5.83 -8.49
C LEU A 280 5.90 4.90 -7.33
N ASN A 281 4.66 4.39 -7.25
CA ASN A 281 4.32 3.44 -6.19
C ASN A 281 5.22 2.22 -6.13
N PRO A 282 5.67 1.62 -7.24
CA PRO A 282 6.66 0.53 -7.11
C PRO A 282 7.92 0.96 -6.40
N VAL A 283 8.36 2.20 -6.58
CA VAL A 283 9.55 2.68 -5.88
C VAL A 283 9.25 2.89 -4.41
N LEU A 284 8.15 3.59 -4.11
CA LEU A 284 7.86 4.00 -2.74
C LEU A 284 7.50 2.81 -1.86
N TYR A 285 6.72 1.86 -2.40
CA TYR A 285 6.11 0.83 -1.57
C TYR A 285 6.65 -0.57 -1.81
N ALA A 286 7.42 -0.79 -2.87
CA ALA A 286 8.00 -2.11 -3.14
C ALA A 286 9.52 -2.06 -3.02
N PHE A 287 10.20 -1.36 -3.94
CA PHE A 287 11.66 -1.37 -3.95
C PHE A 287 12.26 -0.74 -2.69
N LEU A 288 11.52 0.11 -1.99
CA LEU A 288 12.00 0.69 -0.74
C LEU A 288 11.44 -0.01 0.49
N ASP A 289 10.62 -1.04 0.32
CA ASP A 289 10.16 -1.84 1.45
C ASP A 289 11.33 -2.59 2.05
N GLU A 290 11.33 -2.72 3.38
CA GLU A 290 12.49 -3.26 4.09
C GLU A 290 12.78 -4.70 3.68
N ASN A 291 11.74 -5.54 3.64
CA ASN A 291 11.94 -6.95 3.29
C ASN A 291 12.09 -7.13 1.79
N PHE A 292 11.25 -6.44 1.00
CA PHE A 292 11.32 -6.54 -0.46
C PHE A 292 12.69 -6.10 -0.96
N LYS A 293 13.30 -5.11 -0.30
CA LYS A 293 14.61 -4.62 -0.70
C LYS A 293 15.64 -5.75 -0.68
N ARG A 294 15.63 -6.56 0.39
CA ARG A 294 16.65 -7.59 0.56
C ARG A 294 16.59 -8.63 -0.55
N CYS A 295 15.39 -9.00 -0.98
CA CYS A 295 15.25 -10.07 -1.97
C CYS A 295 15.70 -9.66 -3.36
N PHE A 296 15.83 -8.35 -3.61
CA PHE A 296 15.98 -7.74 -4.95
C PHE A 296 15.70 -8.69 -6.12
N GLN B 1 23.63 -7.56 33.97
CA GLN B 1 23.51 -6.53 32.94
C GLN B 1 22.09 -6.42 32.41
N VAL B 2 21.81 -7.12 31.30
CA VAL B 2 20.49 -7.14 30.67
C VAL B 2 19.77 -8.41 31.12
N GLN B 3 18.51 -8.28 31.50
CA GLN B 3 17.68 -9.38 31.95
C GLN B 3 16.43 -9.44 31.08
N LEU B 4 16.41 -10.37 30.12
CA LEU B 4 15.26 -10.55 29.24
C LEU B 4 14.26 -11.48 29.91
N VAL B 5 13.04 -10.99 30.10
CA VAL B 5 11.98 -11.74 30.76
C VAL B 5 11.01 -12.23 29.67
N GLU B 6 11.02 -13.53 29.43
CA GLU B 6 10.15 -14.15 28.44
C GLU B 6 8.91 -14.73 29.12
N SER B 7 7.76 -14.57 28.48
CA SER B 7 6.50 -15.03 29.03
C SER B 7 5.64 -15.64 27.93
N GLY B 8 4.65 -16.43 28.34
CA GLY B 8 3.62 -16.90 27.44
C GLY B 8 3.80 -18.28 26.84
N GLY B 9 4.90 -18.96 27.13
CA GLY B 9 5.13 -20.28 26.58
C GLY B 9 4.25 -21.33 27.26
N GLY B 10 4.60 -22.59 26.99
CA GLY B 10 3.93 -23.70 27.64
C GLY B 10 3.38 -24.74 26.68
N LEU B 11 2.35 -25.46 27.12
CA LEU B 11 1.77 -26.56 26.38
C LEU B 11 0.51 -26.13 25.66
N VAL B 12 0.35 -26.60 24.42
CA VAL B 12 -0.84 -26.34 23.62
C VAL B 12 -1.14 -27.55 22.75
N ARG B 13 -2.42 -27.76 22.46
CA ARG B 13 -2.81 -28.78 21.52
C ARG B 13 -2.44 -28.35 20.10
N PRO B 14 -2.21 -29.30 19.20
CA PRO B 14 -1.95 -28.95 17.80
C PRO B 14 -3.09 -28.10 17.23
N GLY B 15 -2.71 -27.10 16.43
CA GLY B 15 -3.66 -26.15 15.91
C GLY B 15 -4.02 -25.02 16.85
N GLY B 16 -3.52 -25.04 18.08
CA GLY B 16 -3.78 -23.99 19.04
C GLY B 16 -2.88 -22.79 18.83
N SER B 17 -2.99 -21.83 19.76
CA SER B 17 -2.28 -20.58 19.66
C SER B 17 -1.58 -20.25 20.97
N LEU B 18 -0.44 -19.57 20.84
CA LEU B 18 0.32 -19.04 21.97
C LEU B 18 0.82 -17.65 21.61
N ARG B 19 0.92 -16.79 22.62
CA ARG B 19 1.50 -15.47 22.47
C ARG B 19 2.69 -15.37 23.41
N LEU B 20 3.88 -15.23 22.85
CA LEU B 20 5.08 -14.96 23.64
C LEU B 20 5.29 -13.46 23.75
N SER B 21 5.80 -13.03 24.90
CA SER B 21 6.19 -11.65 25.12
C SER B 21 7.55 -11.59 25.78
N CYS B 22 8.28 -10.53 25.49
CA CYS B 22 9.64 -10.36 26.00
C CYS B 22 9.86 -8.89 26.28
N VAL B 23 10.35 -8.57 27.48
CA VAL B 23 10.54 -7.20 27.90
C VAL B 23 11.93 -7.05 28.52
N ASP B 24 12.52 -5.88 28.32
CA ASP B 24 13.69 -5.42 29.06
C ASP B 24 13.23 -4.13 29.73
N SER B 25 12.67 -4.27 30.94
CA SER B 25 12.04 -3.14 31.62
C SER B 25 13.03 -2.04 31.96
N GLU B 26 14.33 -2.34 31.96
CA GLU B 26 15.35 -1.35 32.27
C GLU B 26 15.70 -0.46 31.09
N ARG B 27 15.07 -0.68 29.94
CA ARG B 27 15.33 0.06 28.70
C ARG B 27 16.78 -0.03 28.25
N THR B 28 17.55 -0.99 28.80
CA THR B 28 18.96 -1.13 28.45
C THR B 28 19.16 -1.88 27.14
N SER B 29 18.11 -2.44 26.55
CA SER B 29 18.21 -3.13 25.27
C SER B 29 16.84 -3.17 24.63
N TYR B 30 16.83 -3.43 23.32
CA TYR B 30 15.60 -3.53 22.55
C TYR B 30 15.34 -4.98 22.17
N PRO B 31 14.40 -5.67 22.81
CA PRO B 31 13.99 -6.99 22.32
C PRO B 31 13.43 -6.87 20.91
N MET B 32 14.05 -7.59 19.97
CA MET B 32 13.68 -7.45 18.56
C MET B 32 13.68 -8.74 17.77
N GLY B 33 14.17 -9.85 18.30
CA GLY B 33 14.24 -11.09 17.54
C GLY B 33 13.73 -12.28 18.32
N TRP B 34 13.24 -13.27 17.58
CA TRP B 34 12.78 -14.53 18.12
C TRP B 34 13.52 -15.67 17.44
N PHE B 35 14.13 -16.54 18.24
CA PHE B 35 14.80 -17.74 17.75
C PHE B 35 14.23 -18.93 18.49
N ARG B 36 14.51 -20.12 17.95
CA ARG B 36 14.06 -21.34 18.60
C ARG B 36 15.04 -22.46 18.30
N ARG B 37 15.06 -23.44 19.19
CA ARG B 37 15.90 -24.62 19.02
C ARG B 37 15.06 -25.85 19.33
N ALA B 38 14.83 -26.67 18.30
CA ALA B 38 14.16 -27.95 18.49
C ALA B 38 15.07 -28.90 19.25
N PRO B 39 14.50 -29.94 19.87
CA PRO B 39 15.34 -30.84 20.69
C PRO B 39 16.56 -31.42 19.99
N GLY B 40 16.46 -31.74 18.71
CA GLY B 40 17.60 -32.34 18.02
C GLY B 40 18.16 -31.49 16.90
N LYS B 41 17.60 -30.30 16.68
CA LYS B 41 17.98 -29.44 15.59
C LYS B 41 18.93 -28.34 16.08
N GLU B 42 19.40 -27.55 15.13
CA GLU B 42 20.21 -26.37 15.41
C GLU B 42 19.30 -25.18 15.71
N ARG B 43 19.89 -24.12 16.26
CA ARG B 43 19.15 -22.89 16.51
C ARG B 43 18.73 -22.27 15.19
N GLU B 44 17.47 -21.85 15.08
CA GLU B 44 16.94 -21.34 13.83
C GLU B 44 16.19 -20.02 14.06
N PHE B 45 16.33 -19.11 13.10
CA PHE B 45 15.63 -17.84 13.14
C PHE B 45 14.13 -18.06 12.97
N VAL B 46 13.33 -17.36 13.78
CA VAL B 46 11.88 -17.43 13.71
C VAL B 46 11.29 -16.13 13.17
N ALA B 47 11.54 -15.02 13.87
CA ALA B 47 10.99 -13.73 13.45
C ALA B 47 11.80 -12.62 14.09
N SER B 48 11.78 -11.46 13.43
CA SER B 48 12.37 -10.26 13.99
C SER B 48 11.58 -9.06 13.51
N ILE B 49 11.80 -7.92 14.16
CA ILE B 49 11.10 -6.69 13.82
C ILE B 49 12.04 -5.52 14.07
N THR B 50 11.89 -4.48 13.25
CA THR B 50 12.71 -3.30 13.37
C THR B 50 12.41 -2.59 14.69
N TRP B 51 13.32 -1.67 15.05
CA TRP B 51 13.14 -0.86 16.25
C TRP B 51 11.80 -0.12 16.22
N SER B 52 11.41 0.40 15.06
CA SER B 52 10.17 1.16 14.95
C SER B 52 8.93 0.29 15.11
N GLY B 53 9.06 -1.03 15.07
CA GLY B 53 7.91 -1.90 15.08
C GLY B 53 7.16 -1.98 13.77
N ILE B 54 7.68 -1.35 12.72
CA ILE B 54 6.95 -1.26 11.45
C ILE B 54 7.15 -2.51 10.60
N ASP B 55 8.40 -2.96 10.45
CA ASP B 55 8.72 -3.97 9.45
C ASP B 55 9.11 -5.30 10.09
N PRO B 56 8.21 -6.28 10.14
CA PRO B 56 8.58 -7.61 10.62
C PRO B 56 9.18 -8.48 9.52
N THR B 57 10.00 -9.43 9.95
CA THR B 57 10.62 -10.41 9.06
C THR B 57 10.38 -11.80 9.63
N TYR B 58 9.84 -12.69 8.81
CA TYR B 58 9.47 -14.03 9.25
C TYR B 58 10.26 -15.07 8.46
N ALA B 59 10.61 -16.16 9.13
CA ALA B 59 11.13 -17.33 8.43
C ALA B 59 10.01 -17.94 7.59
N ASP B 60 10.38 -18.45 6.41
CA ASP B 60 9.38 -19.01 5.50
C ASP B 60 8.55 -20.10 6.17
N SER B 61 9.14 -20.83 7.10
CA SER B 61 8.43 -21.93 7.77
C SER B 61 7.28 -21.44 8.65
N VAL B 62 7.28 -20.18 9.07
CA VAL B 62 6.28 -19.67 10.00
C VAL B 62 5.55 -18.44 9.47
N ALA B 63 5.85 -17.99 8.25
CA ALA B 63 5.28 -16.74 7.76
C ALA B 63 3.76 -16.79 7.68
N ASP B 64 3.18 -17.95 7.37
CA ASP B 64 1.74 -18.07 7.24
C ASP B 64 1.01 -18.12 8.57
N ARG B 65 1.72 -18.36 9.68
CA ARG B 65 1.09 -18.63 10.96
C ARG B 65 1.52 -17.71 12.09
N PHE B 66 2.68 -17.09 12.01
CA PHE B 66 3.21 -16.28 13.10
C PHE B 66 3.14 -14.80 12.75
N THR B 67 2.93 -13.98 13.78
CA THR B 67 2.99 -12.53 13.65
C THR B 67 3.78 -11.98 14.83
N THR B 68 4.61 -10.98 14.56
CA THR B 68 5.39 -10.35 15.60
C THR B 68 5.09 -8.85 15.61
N SER B 69 5.22 -8.26 16.79
CA SER B 69 5.01 -6.81 16.92
C SER B 69 5.88 -6.32 18.06
N ARG B 70 6.09 -5.01 18.07
CA ARG B 70 6.91 -4.38 19.09
C ARG B 70 6.18 -3.16 19.63
N ASP B 71 6.07 -3.10 20.96
CA ASP B 71 5.50 -1.95 21.65
C ASP B 71 6.66 -1.00 21.94
N VAL B 72 6.82 0.02 21.09
CA VAL B 72 7.93 0.95 21.27
C VAL B 72 7.80 1.75 22.56
N ALA B 73 6.59 1.87 23.11
CA ALA B 73 6.40 2.69 24.30
C ALA B 73 6.97 2.02 25.55
N ASN B 74 6.82 0.70 25.66
CA ASN B 74 7.33 -0.01 26.83
C ASN B 74 8.35 -1.09 26.49
N ASN B 75 8.88 -1.09 25.26
N ASN B 75 8.87 -1.09 25.27
CA ASN B 75 9.99 -1.97 24.89
CA ASN B 75 9.98 -1.96 24.87
C ASN B 75 9.62 -3.45 25.05
C ASN B 75 9.63 -3.44 25.04
N THR B 76 8.40 -3.79 24.66
CA THR B 76 7.92 -5.17 24.74
C THR B 76 7.87 -5.77 23.34
N LEU B 77 8.39 -6.98 23.20
CA LEU B 77 8.35 -7.72 21.94
C LEU B 77 7.32 -8.83 22.05
N TYR B 78 6.51 -9.00 21.01
CA TYR B 78 5.46 -10.00 20.99
C TYR B 78 5.67 -10.98 19.84
N LEU B 79 5.26 -12.22 20.06
CA LEU B 79 5.20 -13.23 19.01
C LEU B 79 3.88 -13.98 19.16
N GLN B 80 2.98 -13.76 18.21
CA GLN B 80 1.71 -14.48 18.17
C GLN B 80 1.89 -15.69 17.27
N MET B 81 1.69 -16.88 17.83
CA MET B 81 1.86 -18.13 17.11
C MET B 81 0.50 -18.80 16.97
N ASN B 82 0.06 -19.01 15.73
CA ASN B 82 -1.21 -19.64 15.45
C ASN B 82 -0.98 -20.96 14.73
N SER B 83 -2.01 -21.81 14.74
CA SER B 83 -2.00 -23.09 14.01
C SER B 83 -0.72 -23.88 14.31
N LEU B 84 -0.41 -24.00 15.59
CA LEU B 84 0.84 -24.61 16.00
C LEU B 84 0.90 -26.09 15.61
N LYS B 85 2.04 -26.50 15.07
CA LYS B 85 2.30 -27.89 14.68
C LYS B 85 3.35 -28.49 15.60
N HIS B 86 3.59 -29.79 15.43
CA HIS B 86 4.65 -30.45 16.18
C HIS B 86 6.01 -29.84 15.86
N GLU B 87 6.23 -29.44 14.61
CA GLU B 87 7.50 -28.85 14.22
C GLU B 87 7.76 -27.52 14.92
N ASP B 88 6.75 -26.94 15.56
CA ASP B 88 6.92 -25.73 16.35
C ASP B 88 7.34 -26.00 17.79
N THR B 89 7.34 -27.28 18.21
CA THR B 89 7.80 -27.63 19.54
C THR B 89 9.30 -27.36 19.65
N ALA B 90 9.68 -26.46 20.55
CA ALA B 90 11.07 -26.03 20.71
C ALA B 90 11.14 -25.13 21.92
N VAL B 91 12.37 -24.76 22.28
CA VAL B 91 12.61 -23.68 23.24
C VAL B 91 12.74 -22.39 22.43
N TYR B 92 11.93 -21.41 22.76
CA TYR B 92 11.93 -20.13 22.04
C TYR B 92 12.74 -19.11 22.83
N TYR B 93 13.66 -18.43 22.15
CA TYR B 93 14.55 -17.47 22.76
C TYR B 93 14.24 -16.07 22.25
N CYS B 94 14.16 -15.12 23.17
CA CYS B 94 14.11 -13.71 22.84
C CYS B 94 15.53 -13.17 22.65
N ALA B 95 15.71 -12.36 21.62
CA ALA B 95 16.99 -11.73 21.33
C ALA B 95 16.84 -10.22 21.31
N ALA B 96 17.79 -9.52 21.91
CA ALA B 96 17.72 -8.06 22.05
C ALA B 96 19.00 -7.42 21.55
N ARG B 97 18.89 -6.18 21.10
CA ARG B 97 20.03 -5.37 20.67
C ARG B 97 20.30 -4.28 21.70
N ALA B 98 21.59 -4.00 21.92
CA ALA B 98 21.96 -2.86 22.72
C ALA B 98 21.74 -1.57 21.91
N PRO B 99 21.44 -0.46 22.59
CA PRO B 99 21.22 0.80 21.85
C PRO B 99 22.42 1.26 21.07
N VAL B 100 23.64 0.87 21.47
CA VAL B 100 24.83 1.23 20.74
C VAL B 100 25.04 0.27 19.56
N ASP B 108 22.91 -10.00 13.75
CA ASP B 108 23.37 -10.62 14.98
C ASP B 108 22.89 -9.82 16.19
N TYR B 109 22.71 -10.49 17.32
CA TYR B 109 22.14 -9.88 18.51
C TYR B 109 23.14 -9.93 19.65
N ASP B 110 22.96 -9.01 20.60
CA ASP B 110 23.88 -8.85 21.72
C ASP B 110 23.44 -9.58 22.98
N TYR B 111 22.14 -9.79 23.16
CA TYR B 111 21.61 -10.42 24.36
C TYR B 111 20.57 -11.47 23.99
N TRP B 112 20.48 -12.50 24.83
CA TRP B 112 19.58 -13.62 24.58
C TRP B 112 18.88 -14.00 25.88
N GLY B 113 17.59 -14.32 25.77
CA GLY B 113 16.88 -14.84 26.91
C GLY B 113 17.27 -16.28 27.22
N GLN B 114 16.91 -16.73 28.41
CA GLN B 114 17.17 -18.11 28.77
C GLN B 114 16.25 -19.08 28.03
N GLY B 115 15.22 -18.59 27.36
CA GLY B 115 14.35 -19.41 26.56
C GLY B 115 13.08 -19.81 27.31
N THR B 116 12.06 -20.16 26.54
CA THR B 116 10.80 -20.63 27.10
C THR B 116 10.34 -21.84 26.29
N GLN B 117 10.01 -22.91 26.99
CA GLN B 117 9.61 -24.14 26.33
C GLN B 117 8.23 -23.99 25.72
N VAL B 118 8.11 -24.31 24.43
CA VAL B 118 6.83 -24.45 23.76
C VAL B 118 6.73 -25.89 23.28
N THR B 119 5.71 -26.59 23.77
CA THR B 119 5.50 -27.99 23.42
C THR B 119 4.10 -28.15 22.86
N VAL B 120 4.00 -28.66 21.64
CA VAL B 120 2.74 -28.87 20.95
C VAL B 120 2.42 -30.36 21.04
N SER B 121 1.46 -30.71 21.88
CA SER B 121 1.10 -32.09 22.12
C SER B 121 -0.40 -32.21 22.33
N SER B 122 -0.94 -33.37 21.94
CA SER B 122 -2.36 -33.65 22.10
C SER B 122 -2.74 -33.96 23.55
N ALA B 123 -1.78 -34.28 24.40
CA ALA B 123 -2.03 -34.55 25.81
C ALA B 123 -2.27 -33.28 26.63
N ALA B 124 -2.61 -32.17 25.99
CA ALA B 124 -2.85 -30.90 26.67
C ALA B 124 -4.33 -30.54 26.59
N ALA B 125 -4.68 -29.39 27.19
CA ALA B 125 -6.04 -28.89 27.16
C ALA B 125 -6.09 -27.39 26.88
C9 OLC C . -4.29 18.73 -0.21
C8 OLC C . -3.78 19.71 -1.28
C24 OLC C . -8.57 29.14 -9.63
C7 OLC C . -4.79 20.85 -1.43
C6 OLC C . -4.40 21.71 -2.63
C5 OLC C . -5.59 22.60 -3.02
C4 OLC C . -5.14 23.65 -4.05
C3 OLC C . -6.36 24.39 -4.58
C2 OLC C . -5.90 25.50 -5.52
C21 OLC C . -7.69 27.69 -7.79
C1 OLC C . -7.10 26.04 -6.31
C22 OLC C . -7.89 27.82 -9.30
O19 OLC C . -8.25 25.93 -5.86
O25 OLC C . -8.87 29.19 -11.02
O23 OLC C . -6.61 27.77 -9.96
O20 OLC C . -6.80 26.60 -7.51
C10 OLC D . -9.56 20.46 -0.81
C9 OLC D . -9.71 21.95 -1.13
C11 OLC D . -8.31 19.91 -1.49
C8 OLC D . -9.63 22.16 -2.64
C24 OLC D . -11.88 30.66 -9.94
C7 OLC D . -10.77 23.07 -3.10
C6 OLC D . -11.87 22.23 -3.76
C5 OLC D . -12.58 23.08 -4.82
C4 OLC D . -11.58 23.48 -5.90
C3 OLC D . -11.63 24.99 -6.12
C2 OLC D . -12.50 25.33 -7.33
C21 OLC D . -12.05 28.28 -9.21
C1 OLC D . -12.56 26.85 -7.52
C22 OLC D . -12.84 29.49 -9.71
O19 OLC D . -12.29 27.60 -6.58
O25 OLC D . -12.61 31.81 -10.37
O23 OLC D . -13.50 29.17 -10.94
O20 OLC D . -12.96 27.27 -8.75
C1 CLR E . -7.26 27.11 -14.38
C2 CLR E . -8.20 27.34 -15.55
C3 CLR E . -7.36 27.73 -16.76
C4 CLR E . -6.24 26.90 -16.90
C5 CLR E . -5.78 26.03 -15.90
C6 CLR E . -4.61 25.31 -16.15
C7 CLR E . -4.12 24.41 -15.21
C8 CLR E . -4.77 24.23 -13.99
C9 CLR E . -5.51 25.50 -13.60
C10 CLR E . -6.48 25.85 -14.70
C11 CLR E . -6.23 25.26 -12.28
C12 CLR E . -5.22 24.89 -11.18
C13 CLR E . -4.45 23.63 -11.60
C14 CLR E . -3.76 23.92 -12.91
C15 CLR E . -3.01 22.61 -13.15
C16 CLR E . -2.53 22.25 -11.73
C17 CLR E . -3.18 23.29 -10.81
C18 CLR E . -5.39 22.42 -11.71
C19 CLR E . -7.49 24.70 -14.85
C20 CLR E . -3.36 22.67 -9.40
C21 CLR E . -3.87 23.67 -8.36
C22 CLR E . -1.96 22.19 -8.97
C23 CLR E . -1.95 21.71 -7.52
C24 CLR E . -0.50 21.71 -7.03
C25 CLR E . -0.27 20.58 -6.02
C26 CLR E . 1.23 20.42 -5.77
C27 CLR E . -0.97 20.93 -4.72
O1 CLR E . -8.16 27.70 -17.95
P PO4 F . -31.95 16.08 -18.10
O1 PO4 F . -32.55 15.73 -19.44
O2 PO4 F . -30.73 16.96 -18.30
O3 PO4 F . -32.97 16.83 -17.28
O4 PO4 F . -31.54 14.81 -17.39
O1 P6G G . -8.10 -7.47 13.68
C2 P6G G . -8.14 -6.63 14.85
C3 P6G G . -7.50 -5.28 14.53
O4 P6G G . -8.44 -4.45 13.85
C5 P6G G . -7.75 -3.37 13.21
C6 P6G G . -8.75 -2.29 12.78
O7 P6G G . -8.53 -1.98 11.41
C8 P6G G . -9.10 -0.69 11.10
C9 P6G G . -9.87 -0.77 9.77
O10 P6G G . -9.00 -0.49 8.67
C11 P6G G . -8.23 -1.65 8.32
C12 P6G G . -8.21 -1.82 6.80
O13 P6G G . -7.62 -0.66 6.19
C14 P6G G . -8.61 0.03 5.42
C15 P6G G . -7.92 1.02 4.47
O16 P6G G . -8.85 2.04 4.07
C17 P6G G . -9.38 1.73 2.78
C18 P6G G . -10.89 1.97 2.78
O19 P6G G . -11.16 3.36 2.57
O7 P6G H . 7.05 -2.17 -20.74
C8 P6G H . 6.85 -3.21 -21.71
C9 P6G H . 7.06 -4.56 -21.04
O10 P6G H . 7.80 -4.38 -19.82
C11 P6G H . 7.60 -5.51 -18.97
C12 P6G H . 8.89 -5.79 -18.21
O13 P6G H . 8.63 -6.70 -17.14
C14 P6G H . 9.77 -7.56 -16.99
C15 P6G H . 9.72 -8.26 -15.64
O16 P6G H . 10.87 -9.11 -15.50
C17 P6G H . 10.74 -10.24 -16.36
C18 P6G H . 11.97 -11.14 -16.20
O19 P6G H . 11.77 -12.36 -16.92
CAP VF1 I . -11.19 8.68 -14.84
CAO VF1 I . -10.21 8.01 -13.83
NBB VF1 I . -8.84 8.18 -14.32
CAB VF1 I . -7.87 7.55 -13.40
CAZ VF1 I . -8.50 9.62 -14.49
CAQ VF1 I . -8.62 10.43 -13.16
CAW VF1 I . -9.90 10.98 -12.92
CAM VF1 I . -10.10 11.70 -11.74
CAL VF1 I . -11.34 12.26 -11.46
CAU VF1 I . -12.39 12.14 -12.36
OAD VF1 I . -13.60 12.69 -12.09
CAN VF1 I . -12.20 11.43 -13.55
CAX VF1 I . -10.96 10.86 -13.85
CBF VF1 I . -10.81 10.15 -15.07
CBA VF1 I . -11.72 10.68 -16.20
NAS VF1 I . -12.15 9.56 -17.06
CBE VF1 I . -10.89 11.53 -17.21
OAT VF1 I . -11.77 12.22 -18.13
CAA VF1 I . -12.55 13.20 -17.44
CAF VF1 I . -9.94 12.51 -16.55
CAE VF1 I . -8.96 11.75 -15.72
CBD VF1 I . -9.38 10.27 -15.55
CAR VF1 I . -9.26 9.61 -16.91
CBC VF1 I . -10.15 10.41 -17.93
CAC VF1 I . -9.32 10.94 -19.12
CAY VF1 I . -11.43 9.70 -18.35
CAV VF1 I . -11.16 8.41 -19.15
CAJ VF1 I . -11.12 8.44 -20.54
CAH VF1 I . -10.87 7.29 -21.28
CAG VF1 I . -10.68 6.08 -20.62
CAI VF1 I . -10.72 6.03 -19.23
CAK VF1 I . -10.96 7.18 -18.50
#